data_5YNI
#
_entry.id   5YNI
#
_cell.length_a   66.954
_cell.length_b   70.064
_cell.length_c   119.762
_cell.angle_alpha   90.00
_cell.angle_beta   90.00
_cell.angle_gamma   90.00
#
_symmetry.space_group_name_H-M   'P 21 2 21'
#
loop_
_entity.id
_entity.type
_entity.pdbx_description
1 polymer 'nsp16 protein'
2 polymer 'nsp10 protein'
3 non-polymer S-ADENOSYLMETHIONINE
4 non-polymer "7-METHYL-GUANOSINE-5'-TRIPHOSPHATE-5'-GUANOSINE"
5 non-polymer 'ZINC ION'
6 water water
#
loop_
_entity_poly.entity_id
_entity_poly.type
_entity_poly.pdbx_seq_one_letter_code
_entity_poly.pdbx_strand_id
1 'polypeptide(L)'
;ASADWKPGHAMPSLFKVQNVNLERCELANYKQSIPMPRGVHMNIAKYMQLCQYLNTCTLAVPANMRVIHFGAGSDKGIAP
GTSVLRQWLPTDAIIIDNDLNEFVSDADITLFGDCVTVRVGQQVDLVISDMYDPTTKNVTGSNESKALFFTYLCNLINNN
LALGGSVAIKITEHSWSVELYELMGKFAWWTVFCTNANASSSEGFLLGINYLGTIKENIDGGAMHANYIFWRNSTPMNLS
TYSLFDLSKFQLKLKGTPVLQLKESQINELVISLLSQGKLLIRDNDTLSVSTDVLVNTYRKLR
;
A
2 'polypeptide(L)'
;AGSNTEFASNSSVLSLVNFTVDPQKAYLDFVNAGGAPLTNCVKMLTPKTGTGIAISVKPESTADQETYGGASVCLYCRAH
IEHPDVSGVCKYKGKFVQIPAQCVRDPVGFCLSNTPCNVCQYWIGYGCNCDSLRQAALPQ
;
B
#
# COMPACT_ATOMS: atom_id res chain seq x y z
N ALA A 1 0.31 24.87 14.17
CA ALA A 1 0.21 23.41 14.12
C ALA A 1 0.96 22.85 12.92
N SER A 2 2.28 23.01 12.92
CA SER A 2 3.09 22.53 11.81
C SER A 2 2.98 21.02 11.63
N ALA A 3 2.91 20.28 12.74
CA ALA A 3 2.84 18.82 12.66
C ALA A 3 1.55 18.36 11.98
N ASP A 4 0.51 19.18 11.99
CA ASP A 4 -0.72 18.82 11.27
C ASP A 4 -0.53 18.82 9.76
N TRP A 5 0.47 19.54 9.26
CA TRP A 5 0.75 19.58 7.82
C TRP A 5 1.78 18.54 7.40
N LYS A 6 2.44 17.88 8.33
CA LYS A 6 3.27 16.73 8.01
C LYS A 6 2.38 15.51 7.82
N PRO A 7 2.86 14.48 7.11
CA PRO A 7 2.04 13.27 6.93
C PRO A 7 1.83 12.48 8.22
N GLY A 8 2.63 12.72 9.25
CA GLY A 8 2.48 11.98 10.49
C GLY A 8 3.67 12.24 11.41
N HIS A 9 3.84 11.33 12.38
CA HIS A 9 4.87 11.43 13.39
C HIS A 9 5.77 10.21 13.33
N ALA A 10 7.08 10.43 13.45
CA ALA A 10 8.06 9.34 13.44
C ALA A 10 8.75 9.26 14.79
N MET A 11 8.90 8.05 15.30
CA MET A 11 9.45 7.84 16.64
C MET A 11 10.85 8.44 16.77
N PRO A 12 11.08 9.36 17.70
CA PRO A 12 12.38 10.00 17.81
C PRO A 12 13.35 9.22 18.70
N SER A 13 14.64 9.44 18.45
CA SER A 13 15.67 8.81 19.27
C SER A 13 15.51 9.14 20.74
N LEU A 14 14.90 10.29 21.07
CA LEU A 14 14.58 10.61 22.46
C LEU A 14 13.87 9.45 23.14
N PHE A 15 12.93 8.80 22.46
CA PHE A 15 12.23 7.67 23.07
C PHE A 15 12.86 6.32 22.73
N LYS A 16 13.61 6.22 21.63
CA LYS A 16 14.30 4.98 21.33
C LYS A 16 15.27 4.59 22.44
N VAL A 17 15.90 5.58 23.11
CA VAL A 17 16.95 5.31 24.08
C VAL A 17 16.44 5.10 25.50
N GLN A 18 15.13 5.13 25.71
CA GLN A 18 14.58 4.98 27.06
C GLN A 18 14.66 3.52 27.51
N ASN A 19 14.44 3.32 28.81
CA ASN A 19 14.49 1.99 29.45
C ASN A 19 13.32 1.94 30.44
N VAL A 20 12.18 1.44 29.98
CA VAL A 20 10.95 1.46 30.75
C VAL A 20 10.22 0.14 30.58
N ASN A 21 9.27 -0.11 31.46
CA ASN A 21 8.43 -1.28 31.35
C ASN A 21 7.36 -1.06 30.28
N LEU A 22 6.84 -2.17 29.76
CA LEU A 22 5.75 -2.08 28.81
C LEU A 22 4.46 -1.75 29.55
N GLU A 23 3.88 -0.59 29.25
CA GLU A 23 2.63 -0.16 29.85
C GLU A 23 1.50 -0.25 28.85
N ARG A 24 0.28 -0.13 29.34
CA ARG A 24 -0.87 -0.06 28.46
C ARG A 24 -0.84 1.25 27.67
N CYS A 25 -1.24 1.17 26.40
CA CYS A 25 -1.33 2.36 25.57
C CYS A 25 -2.67 3.05 25.81
N GLU A 26 -2.60 4.35 26.12
CA GLU A 26 -3.80 5.14 26.44
C GLU A 26 -3.74 6.43 25.63
N LEU A 27 -4.46 6.47 24.52
CA LEU A 27 -4.49 7.64 23.65
C LEU A 27 -5.71 8.50 23.99
N ALA A 28 -5.48 9.82 24.05
CA ALA A 28 -6.54 10.74 24.47
C ALA A 28 -7.69 10.77 23.48
N ASN A 29 -7.40 10.64 22.19
CA ASN A 29 -8.43 10.72 21.15
C ASN A 29 -8.78 9.35 20.58
N TYR A 30 -8.58 8.30 21.37
CA TYR A 30 -8.60 6.91 20.89
C TYR A 30 -9.85 6.61 20.06
N LYS A 31 -9.60 6.09 18.85
CA LYS A 31 -10.60 5.64 17.88
C LYS A 31 -11.48 6.76 17.34
N GLN A 32 -11.10 8.01 17.52
CA GLN A 32 -11.78 9.10 16.83
C GLN A 32 -11.51 9.00 15.34
N SER A 33 -12.46 9.47 14.55
CA SER A 33 -12.39 9.38 13.10
C SER A 33 -12.44 10.77 12.48
N ILE A 34 -11.65 10.97 11.43
CA ILE A 34 -11.66 12.20 10.65
C ILE A 34 -12.51 11.95 9.41
N PRO A 35 -13.39 12.87 9.03
CA PRO A 35 -14.14 12.67 7.78
C PRO A 35 -13.22 12.73 6.58
N MET A 36 -13.49 11.89 5.62
CA MET A 36 -12.69 11.89 4.42
C MET A 36 -13.43 12.61 3.29
N PRO A 37 -12.69 13.15 2.31
CA PRO A 37 -13.25 13.76 1.10
C PRO A 37 -14.38 12.93 0.47
N VAL A 40 -14.01 8.62 -0.37
CA VAL A 40 -12.59 8.25 -0.28
C VAL A 40 -12.33 7.45 0.99
N HIS A 41 -11.84 6.22 0.84
CA HIS A 41 -11.56 5.38 1.99
C HIS A 41 -10.45 5.99 2.83
N MET A 42 -10.54 5.80 4.15
CA MET A 42 -9.50 6.31 5.03
C MET A 42 -8.14 5.71 4.69
N ASN A 43 -8.12 4.44 4.24
CA ASN A 43 -6.86 3.82 3.89
C ASN A 43 -6.18 4.50 2.70
N ILE A 44 -6.93 5.25 1.89
CA ILE A 44 -6.30 6.07 0.86
C ILE A 44 -5.39 7.11 1.50
N ALA A 45 -5.90 7.83 2.49
CA ALA A 45 -5.10 8.85 3.15
C ALA A 45 -3.99 8.24 4.00
N LYS A 46 -4.26 7.08 4.61
CA LYS A 46 -3.24 6.42 5.41
C LYS A 46 -2.05 6.01 4.55
N TYR A 47 -2.31 5.36 3.42
CA TYR A 47 -1.21 4.92 2.57
C TYR A 47 -0.48 6.10 1.92
N MET A 48 -1.23 7.12 1.50
CA MET A 48 -0.58 8.29 0.91
C MET A 48 0.35 8.96 1.91
N GLN A 49 -0.06 9.02 3.19
CA GLN A 49 0.78 9.64 4.18
C GLN A 49 2.01 8.78 4.49
N LEU A 50 1.85 7.46 4.49
CA LEU A 50 3.01 6.58 4.58
C LEU A 50 3.97 6.81 3.41
N CYS A 51 3.42 6.91 2.19
CA CYS A 51 4.26 7.15 1.02
C CYS A 51 4.95 8.52 1.12
N GLN A 52 4.22 9.53 1.63
CA GLN A 52 4.83 10.84 1.78
C GLN A 52 6.01 10.81 2.74
N TYR A 53 5.89 10.06 3.84
CA TYR A 53 7.03 9.96 4.74
C TYR A 53 8.18 9.20 4.10
N LEU A 54 7.87 8.11 3.39
CA LEU A 54 8.91 7.38 2.68
C LEU A 54 9.57 8.25 1.61
N ASN A 55 8.85 9.25 1.09
CA ASN A 55 9.46 10.22 0.18
C ASN A 55 10.60 10.99 0.83
N THR A 56 10.64 11.05 2.16
CA THR A 56 11.73 11.71 2.88
C THR A 56 12.81 10.73 3.32
N CYS A 57 12.67 9.45 3.00
CA CYS A 57 13.64 8.42 3.37
C CYS A 57 14.51 8.07 2.17
N THR A 58 15.67 7.48 2.46
CA THR A 58 16.64 7.13 1.41
C THR A 58 16.27 5.80 0.74
N LEU A 59 15.04 5.74 0.24
CA LEU A 59 14.57 4.53 -0.43
C LEU A 59 15.35 4.31 -1.71
N ALA A 60 15.72 3.04 -1.95
CA ALA A 60 16.26 2.66 -3.25
C ALA A 60 15.11 2.52 -4.23
N VAL A 61 15.22 3.19 -5.38
CA VAL A 61 14.16 3.20 -6.37
C VAL A 61 14.75 2.80 -7.72
N PRO A 62 14.83 1.51 -8.03
CA PRO A 62 15.39 1.07 -9.31
C PRO A 62 14.31 0.98 -10.38
N ALA A 63 14.78 0.74 -11.61
CA ALA A 63 13.88 0.26 -12.64
C ALA A 63 13.38 -1.13 -12.28
N ASN A 64 12.20 -1.49 -12.79
CA ASN A 64 11.57 -2.77 -12.49
C ASN A 64 11.58 -3.06 -10.98
N MET A 65 11.23 -2.04 -10.21
CA MET A 65 11.25 -2.13 -8.75
C MET A 65 10.31 -3.22 -8.26
N ARG A 66 10.80 -4.07 -7.35
CA ARG A 66 10.06 -5.24 -6.88
C ARG A 66 9.40 -4.89 -5.54
N VAL A 67 8.08 -4.80 -5.55
CA VAL A 67 7.32 -4.39 -4.37
C VAL A 67 6.30 -5.50 -4.05
N ILE A 68 6.31 -5.96 -2.80
CA ILE A 68 5.31 -6.92 -2.35
C ILE A 68 4.51 -6.28 -1.23
N HIS A 69 3.19 -6.45 -1.31
CA HIS A 69 2.25 -5.76 -0.42
C HIS A 69 1.36 -6.80 0.25
N PHE A 70 1.64 -7.11 1.52
CA PHE A 70 0.90 -8.11 2.27
C PHE A 70 -0.26 -7.47 3.01
N GLY A 71 -1.34 -8.22 3.13
CA GLY A 71 -2.55 -7.70 3.77
C GLY A 71 -3.20 -6.60 2.97
N ALA A 72 -3.26 -6.76 1.64
CA ALA A 72 -3.76 -5.71 0.75
C ALA A 72 -5.27 -5.70 0.61
N GLY A 73 -5.97 -6.77 0.98
CA GLY A 73 -7.40 -6.87 0.81
C GLY A 73 -8.16 -6.18 1.93
N SER A 74 -9.48 -6.34 1.90
CA SER A 74 -10.34 -5.73 2.89
C SER A 74 -11.69 -6.46 2.90
N ASP A 75 -12.55 -6.05 3.84
CA ASP A 75 -13.90 -6.62 3.90
C ASP A 75 -14.66 -6.37 2.60
N LYS A 76 -14.48 -5.19 2.01
CA LYS A 76 -15.20 -4.81 0.81
C LYS A 76 -14.66 -5.48 -0.45
N GLY A 77 -13.65 -6.33 -0.34
CA GLY A 77 -13.11 -6.98 -1.52
C GLY A 77 -12.30 -6.10 -2.43
N ILE A 78 -11.89 -4.91 -1.99
CA ILE A 78 -11.07 -4.01 -2.80
C ILE A 78 -9.78 -3.71 -2.04
N ALA A 79 -8.88 -2.94 -2.66
CA ALA A 79 -7.53 -2.74 -2.14
C ALA A 79 -7.09 -1.29 -2.34
N PRO A 80 -7.57 -0.38 -1.49
CA PRO A 80 -7.20 1.03 -1.69
C PRO A 80 -5.70 1.27 -1.59
N GLY A 81 -5.03 0.61 -0.64
CA GLY A 81 -3.59 0.83 -0.47
C GLY A 81 -2.79 0.44 -1.70
N THR A 82 -3.13 -0.69 -2.33
CA THR A 82 -2.45 -1.09 -3.56
C THR A 82 -2.59 -0.04 -4.64
N SER A 83 -3.78 0.55 -4.77
CA SER A 83 -3.97 1.58 -5.79
C SER A 83 -3.14 2.82 -5.48
N VAL A 84 -3.01 3.18 -4.20
CA VAL A 84 -2.12 4.27 -3.82
C VAL A 84 -0.67 3.93 -4.16
N LEU A 85 -0.28 2.68 -3.91
CA LEU A 85 1.08 2.26 -4.28
C LEU A 85 1.29 2.38 -5.79
N ARG A 86 0.26 2.05 -6.57
CA ARG A 86 0.35 2.23 -8.02
C ARG A 86 0.50 3.70 -8.38
N GLN A 87 -0.25 4.58 -7.71
CA GLN A 87 -0.14 6.01 -7.94
C GLN A 87 1.25 6.53 -7.56
N TRP A 88 1.85 5.97 -6.51
CA TRP A 88 3.09 6.46 -5.94
C TRP A 88 4.32 5.96 -6.67
N LEU A 89 4.36 4.66 -6.97
CA LEU A 89 5.56 3.98 -7.45
C LEU A 89 5.81 4.33 -8.93
N PRO A 90 7.03 4.06 -9.41
CA PRO A 90 7.29 4.20 -10.84
C PRO A 90 6.37 3.32 -11.67
N THR A 91 6.12 3.74 -12.91
CA THR A 91 5.18 3.02 -13.77
C THR A 91 5.67 1.61 -14.09
N ASP A 92 6.98 1.40 -14.13
CA ASP A 92 7.52 0.08 -14.41
C ASP A 92 7.78 -0.74 -13.15
N ALA A 93 7.30 -0.28 -12.00
CA ALA A 93 7.44 -1.06 -10.78
C ALA A 93 6.52 -2.27 -10.81
N ILE A 94 6.97 -3.38 -10.24
CA ILE A 94 6.20 -4.61 -10.18
C ILE A 94 5.56 -4.70 -8.79
N ILE A 95 4.23 -4.68 -8.74
CA ILE A 95 3.50 -4.77 -7.48
C ILE A 95 2.89 -6.15 -7.39
N ILE A 96 3.24 -6.89 -6.34
CA ILE A 96 2.59 -8.14 -5.99
C ILE A 96 1.89 -7.93 -4.66
N ASP A 97 0.60 -8.24 -4.59
CA ASP A 97 -0.09 -8.09 -3.33
C ASP A 97 -0.73 -9.42 -2.93
N ASN A 98 -1.18 -9.47 -1.68
CA ASN A 98 -1.64 -10.73 -1.11
C ASN A 98 -2.56 -10.44 0.06
N ASP A 99 -3.50 -11.35 0.28
CA ASP A 99 -4.39 -11.27 1.42
C ASP A 99 -5.02 -12.63 1.62
N LEU A 100 -5.38 -12.92 2.87
CA LEU A 100 -6.06 -14.18 3.18
C LEU A 100 -7.34 -14.32 2.37
N ASN A 101 -8.07 -13.23 2.18
CA ASN A 101 -9.38 -13.28 1.55
C ASN A 101 -9.32 -12.73 0.14
N GLU A 102 -10.29 -13.15 -0.67
CA GLU A 102 -10.36 -12.76 -2.07
C GLU A 102 -10.58 -11.26 -2.20
N PHE A 103 -9.94 -10.67 -3.21
CA PHE A 103 -10.11 -9.24 -3.48
C PHE A 103 -9.63 -8.98 -4.91
N VAL A 104 -9.87 -7.76 -5.38
CA VAL A 104 -9.37 -7.31 -6.67
C VAL A 104 -8.61 -6.02 -6.46
N SER A 105 -7.54 -5.84 -7.23
CA SER A 105 -6.63 -4.73 -7.02
C SER A 105 -5.96 -4.37 -8.33
N ASP A 106 -5.20 -3.27 -8.31
CA ASP A 106 -4.46 -2.82 -9.46
C ASP A 106 -3.01 -3.32 -9.45
N ALA A 107 -2.72 -4.36 -8.68
CA ALA A 107 -1.38 -4.93 -8.65
C ALA A 107 -1.12 -5.72 -9.94
N ASP A 108 0.17 -5.97 -10.20
CA ASP A 108 0.54 -6.81 -11.34
C ASP A 108 0.23 -8.27 -11.07
N ILE A 109 0.40 -8.73 -9.82
CA ILE A 109 0.15 -10.10 -9.43
C ILE A 109 -0.58 -10.08 -8.09
N THR A 110 -1.68 -10.80 -7.99
CA THR A 110 -2.47 -10.87 -6.77
C THR A 110 -2.57 -12.32 -6.33
N LEU A 111 -2.18 -12.61 -5.09
CA LEU A 111 -2.17 -13.95 -4.56
C LEU A 111 -3.11 -14.03 -3.36
N PHE A 112 -4.05 -14.98 -3.40
CA PHE A 112 -4.96 -15.23 -2.31
C PHE A 112 -4.41 -16.29 -1.37
N GLY A 113 -4.78 -16.20 -0.10
CA GLY A 113 -4.36 -17.15 0.91
C GLY A 113 -3.40 -16.55 1.92
N ASP A 114 -3.06 -17.39 2.89
CA ASP A 114 -2.11 -16.99 3.93
C ASP A 114 -0.79 -16.55 3.31
N CYS A 115 -0.21 -15.47 3.85
CA CYS A 115 1.07 -14.99 3.33
C CYS A 115 2.14 -16.09 3.35
N VAL A 116 2.01 -17.08 4.24
CA VAL A 116 2.97 -18.19 4.27
C VAL A 116 2.94 -18.96 2.95
N THR A 117 1.84 -18.91 2.21
CA THR A 117 1.78 -19.57 0.92
C THR A 117 2.45 -18.77 -0.19
N VAL A 118 2.83 -17.51 0.08
CA VAL A 118 3.46 -16.68 -0.94
C VAL A 118 4.94 -17.04 -1.03
N ARG A 119 5.34 -17.64 -2.15
CA ARG A 119 6.72 -18.04 -2.39
C ARG A 119 7.41 -16.97 -3.23
N VAL A 120 8.42 -16.33 -2.65
CA VAL A 120 9.21 -15.31 -3.34
C VAL A 120 10.47 -16.00 -3.87
N GLY A 121 10.54 -16.16 -5.19
CA GLY A 121 11.68 -16.84 -5.78
C GLY A 121 12.95 -16.04 -5.74
N GLN A 122 12.86 -14.72 -5.80
CA GLN A 122 14.00 -13.83 -5.82
C GLN A 122 13.93 -12.86 -4.63
N GLN A 123 14.82 -11.89 -4.60
CA GLN A 123 14.83 -10.87 -3.56
C GLN A 123 14.09 -9.63 -4.04
N VAL A 124 13.35 -9.00 -3.13
CA VAL A 124 12.52 -7.85 -3.47
C VAL A 124 13.15 -6.59 -2.88
N ASP A 125 12.62 -5.44 -3.30
CA ASP A 125 13.18 -4.13 -2.99
C ASP A 125 12.42 -3.39 -1.92
N LEU A 126 11.12 -3.68 -1.77
CA LEU A 126 10.27 -2.97 -0.82
C LEU A 126 9.18 -3.91 -0.37
N VAL A 127 9.01 -4.03 0.94
CA VAL A 127 7.96 -4.86 1.52
C VAL A 127 7.03 -3.94 2.29
N ILE A 128 5.75 -3.94 1.92
CA ILE A 128 4.72 -3.24 2.66
C ILE A 128 3.79 -4.29 3.27
N SER A 129 3.59 -4.23 4.57
CA SER A 129 2.64 -5.11 5.23
C SER A 129 1.61 -4.30 5.99
N ASP A 130 0.34 -4.59 5.72
CA ASP A 130 -0.77 -4.07 6.51
C ASP A 130 -1.52 -5.19 7.22
N MET A 131 -0.88 -6.35 7.34
CA MET A 131 -1.52 -7.50 7.95
C MET A 131 -1.81 -7.23 9.43
N TYR A 132 -2.91 -7.81 9.90
CA TYR A 132 -3.35 -7.74 11.28
C TYR A 132 -4.27 -8.93 11.53
N ASP A 133 -3.97 -9.70 12.58
CA ASP A 133 -4.80 -10.88 12.86
C ASP A 133 -5.97 -10.50 13.75
N PRO A 134 -7.20 -10.87 13.38
CA PRO A 134 -8.36 -10.48 14.21
C PRO A 134 -8.29 -10.95 15.65
N THR A 135 -7.66 -12.11 15.90
CA THR A 135 -7.57 -12.63 17.27
C THR A 135 -6.75 -11.74 18.19
N THR A 136 -6.00 -10.77 17.65
CA THR A 136 -5.27 -9.83 18.50
C THR A 136 -6.21 -9.02 19.40
N LYS A 137 -7.48 -8.89 19.00
CA LYS A 137 -8.44 -8.15 19.84
C LYS A 137 -8.82 -8.92 21.10
N ASN A 138 -8.62 -10.24 21.12
CA ASN A 138 -8.89 -11.04 22.32
C ASN A 138 -7.71 -10.93 23.28
N VAL A 139 -7.61 -9.76 23.90
CA VAL A 139 -6.51 -9.48 24.82
C VAL A 139 -6.73 -10.24 26.12
N THR A 140 -5.73 -11.02 26.53
CA THR A 140 -5.83 -11.80 27.76
C THR A 140 -4.46 -11.89 28.41
N GLY A 141 -4.37 -11.46 29.67
CA GLY A 141 -3.18 -11.62 30.49
C GLY A 141 -1.87 -11.19 29.87
N SER A 142 -1.55 -9.90 29.99
CA SER A 142 -0.26 -9.33 29.59
C SER A 142 -0.05 -9.33 28.09
N ASN A 143 0.71 -8.35 27.61
CA ASN A 143 0.92 -8.11 26.17
C ASN A 143 2.29 -8.65 25.80
N GLU A 144 2.31 -9.88 25.28
CA GLU A 144 3.54 -10.57 24.93
C GLU A 144 3.80 -10.48 23.42
N SER A 145 5.05 -10.73 23.05
CA SER A 145 5.41 -10.74 21.64
C SER A 145 4.58 -11.75 20.88
N LYS A 146 4.21 -11.40 19.64
CA LYS A 146 3.33 -12.22 18.84
C LYS A 146 4.11 -12.92 17.73
N ALA A 147 3.60 -14.07 17.31
CA ALA A 147 4.17 -14.81 16.19
C ALA A 147 3.35 -14.52 14.93
N LEU A 148 2.39 -15.39 14.63
CA LEU A 148 1.43 -15.18 13.53
C LEU A 148 2.23 -14.95 12.25
N PHE A 149 1.89 -13.95 11.45
CA PHE A 149 2.60 -13.64 10.21
C PHE A 149 3.95 -12.98 10.45
N PHE A 150 4.28 -12.59 11.69
CA PHE A 150 5.58 -11.97 11.94
C PHE A 150 6.72 -12.96 11.73
N THR A 151 6.49 -14.24 11.99
CA THR A 151 7.53 -15.23 11.75
C THR A 151 7.90 -15.28 10.27
N TYR A 152 6.88 -15.31 9.40
CA TYR A 152 7.12 -15.27 7.96
C TYR A 152 7.85 -13.99 7.55
N LEU A 153 7.45 -12.85 8.11
CA LEU A 153 8.05 -11.59 7.68
C LEU A 153 9.50 -11.50 8.11
N CYS A 154 9.83 -12.00 9.31
CA CYS A 154 11.21 -11.98 9.77
C CYS A 154 12.10 -12.84 8.87
N ASN A 155 11.63 -14.04 8.52
CA ASN A 155 12.39 -14.89 7.61
C ASN A 155 12.55 -14.23 6.25
N LEU A 156 11.50 -13.54 5.78
CA LEU A 156 11.60 -12.83 4.51
C LEU A 156 12.72 -11.79 4.55
N ILE A 157 12.80 -11.02 5.63
CA ILE A 157 13.83 -10.00 5.73
C ILE A 157 15.23 -10.62 5.67
N ASN A 158 15.42 -11.75 6.34
CA ASN A 158 16.72 -12.40 6.37
C ASN A 158 17.06 -13.13 5.08
N ASN A 159 16.10 -13.38 4.20
CA ASN A 159 16.42 -14.21 3.04
C ASN A 159 15.99 -13.62 1.70
N ASN A 160 14.88 -12.90 1.65
CA ASN A 160 14.28 -12.51 0.38
C ASN A 160 14.21 -11.00 0.19
N LEU A 161 15.03 -10.26 0.93
CA LEU A 161 15.06 -8.80 0.84
C LEU A 161 16.43 -8.37 0.32
N ALA A 162 16.45 -7.60 -0.76
CA ALA A 162 17.71 -7.14 -1.30
C ALA A 162 18.45 -6.26 -0.30
N LEU A 163 19.78 -6.35 -0.32
CA LEU A 163 20.58 -5.36 0.38
C LEU A 163 20.27 -3.99 -0.23
N GLY A 164 19.99 -3.01 0.63
CA GLY A 164 19.47 -1.73 0.19
C GLY A 164 17.96 -1.64 0.19
N GLY A 165 17.26 -2.76 0.31
CA GLY A 165 15.81 -2.75 0.32
C GLY A 165 15.25 -2.24 1.63
N SER A 166 13.95 -1.97 1.64
CA SER A 166 13.30 -1.40 2.81
C SER A 166 11.99 -2.11 3.08
N VAL A 167 11.50 -1.95 4.31
CA VAL A 167 10.23 -2.53 4.72
C VAL A 167 9.42 -1.50 5.49
N ALA A 168 8.10 -1.63 5.40
CA ALA A 168 7.16 -0.87 6.22
C ALA A 168 6.10 -1.86 6.68
N ILE A 169 6.09 -2.16 7.98
CA ILE A 169 5.29 -3.25 8.52
C ILE A 169 4.38 -2.71 9.62
N LYS A 170 3.08 -2.88 9.45
CA LYS A 170 2.11 -2.32 10.38
C LYS A 170 2.14 -3.08 11.70
N ILE A 171 2.18 -2.34 12.80
CA ILE A 171 2.09 -2.89 14.15
C ILE A 171 1.07 -2.08 14.91
N THR A 172 0.64 -2.60 16.06
CA THR A 172 -0.21 -1.88 16.98
C THR A 172 0.30 -2.16 18.39
N GLU A 173 -0.44 -1.68 19.38
CA GLU A 173 -0.08 -1.96 20.77
C GLU A 173 0.09 -3.46 21.00
N HIS A 174 -0.85 -4.27 20.51
CA HIS A 174 -0.84 -5.71 20.78
C HIS A 174 -0.42 -6.57 19.60
N SER A 175 -0.28 -6.00 18.40
CA SER A 175 0.17 -6.74 17.23
C SER A 175 1.60 -6.28 16.94
N TRP A 176 2.58 -6.99 17.50
CA TRP A 176 3.99 -6.62 17.40
C TRP A 176 4.83 -7.86 17.65
N SER A 177 6.12 -7.73 17.39
CA SER A 177 7.04 -8.87 17.48
C SER A 177 8.41 -8.40 17.97
N VAL A 178 8.92 -9.09 19.00
CA VAL A 178 10.27 -8.80 19.49
C VAL A 178 11.29 -8.96 18.37
N GLU A 179 11.20 -10.07 17.64
CA GLU A 179 12.17 -10.39 16.60
C GLU A 179 12.20 -9.33 15.51
N LEU A 180 11.03 -8.84 15.11
CA LEU A 180 10.98 -7.84 14.05
C LEU A 180 11.66 -6.53 14.45
N TYR A 181 11.40 -6.06 15.68
CA TYR A 181 12.11 -4.88 16.18
C TYR A 181 13.61 -5.09 16.11
N GLU A 182 14.08 -6.26 16.57
CA GLU A 182 15.53 -6.50 16.57
C GLU A 182 16.08 -6.54 15.16
N LEU A 183 15.33 -7.06 14.19
CA LEU A 183 15.77 -7.02 12.80
C LEU A 183 15.93 -5.61 12.28
N MET A 184 15.22 -4.62 12.85
CA MET A 184 15.41 -3.24 12.42
C MET A 184 16.86 -2.79 12.61
N GLY A 185 17.61 -3.42 13.52
CA GLY A 185 19.01 -3.10 13.69
C GLY A 185 19.90 -3.59 12.56
N LYS A 186 19.34 -4.32 11.59
CA LYS A 186 20.09 -4.75 10.42
C LYS A 186 19.89 -3.83 9.22
N PHE A 187 19.20 -2.71 9.41
CA PHE A 187 19.06 -1.70 8.37
C PHE A 187 19.93 -0.50 8.72
N ALA A 188 20.17 0.34 7.70
CA ALA A 188 20.92 1.56 7.92
C ALA A 188 20.20 2.50 8.89
N TRP A 189 18.87 2.46 8.91
CA TRP A 189 18.09 3.32 9.78
C TRP A 189 16.71 2.70 9.96
N TRP A 190 16.03 3.09 11.03
CA TRP A 190 14.71 2.53 11.32
C TRP A 190 13.92 3.53 12.14
N THR A 191 12.59 3.39 12.11
CA THR A 191 11.72 4.16 12.99
C THR A 191 10.35 3.48 13.02
N VAL A 192 9.44 4.06 13.77
CA VAL A 192 8.01 3.76 13.66
C VAL A 192 7.31 5.03 13.23
N PHE A 193 6.52 4.94 12.16
CA PHE A 193 5.81 6.09 11.61
C PHE A 193 4.31 5.91 11.81
N CYS A 194 3.67 6.94 12.37
CA CYS A 194 2.23 6.94 12.63
C CYS A 194 1.59 8.02 11.78
N THR A 195 0.66 7.62 10.90
CA THR A 195 0.00 8.60 10.04
C THR A 195 -0.88 9.54 10.86
N ASN A 196 -0.98 10.78 10.38
CA ASN A 196 -1.93 11.71 11.00
C ASN A 196 -3.37 11.31 10.72
N ALA A 197 -3.62 10.63 9.60
CA ALA A 197 -4.98 10.23 9.27
C ALA A 197 -5.55 9.23 10.27
N ASN A 198 -4.68 8.44 10.90
CA ASN A 198 -5.07 7.42 11.86
C ASN A 198 -4.34 7.61 13.18
N ALA A 199 -4.12 8.87 13.56
CA ALA A 199 -3.33 9.18 14.74
C ALA A 199 -3.99 8.69 16.02
N SER A 200 -5.32 8.47 15.99
CA SER A 200 -6.09 8.01 17.14
C SER A 200 -5.95 6.52 17.39
N SER A 201 -5.13 5.82 16.61
CA SER A 201 -4.90 4.40 16.80
C SER A 201 -3.47 4.19 17.27
N SER A 202 -3.25 3.10 18.03
CA SER A 202 -1.89 2.71 18.38
C SER A 202 -1.14 2.13 17.20
N GLU A 203 -1.81 2.01 16.05
CA GLU A 203 -1.17 1.62 14.81
C GLU A 203 0.10 2.43 14.56
N GLY A 204 1.12 1.75 14.07
CA GLY A 204 2.30 2.41 13.54
C GLY A 204 2.93 1.52 12.49
N PHE A 205 3.68 2.12 11.59
CA PHE A 205 4.40 1.38 10.56
C PHE A 205 5.87 1.30 10.94
N LEU A 206 6.31 0.11 11.31
CA LEU A 206 7.71 -0.12 11.63
C LEU A 206 8.51 -0.08 10.35
N LEU A 207 9.41 0.90 10.23
CA LEU A 207 10.15 1.14 9.01
C LEU A 207 11.58 0.67 9.15
N GLY A 208 12.03 -0.18 8.23
CA GLY A 208 13.44 -0.49 8.10
C GLY A 208 13.94 0.03 6.78
N ILE A 209 14.89 0.97 6.80
CA ILE A 209 15.34 1.68 5.61
C ILE A 209 16.76 1.22 5.26
N ASN A 210 16.89 0.57 4.09
CA ASN A 210 18.15 0.12 3.51
C ASN A 210 18.73 -1.06 4.28
N TYR A 211 18.35 -2.28 3.88
CA TYR A 211 18.80 -3.48 4.56
C TYR A 211 20.29 -3.70 4.32
N LEU A 212 21.02 -3.97 5.40
CA LEU A 212 22.46 -4.19 5.32
C LEU A 212 22.88 -5.63 5.57
N GLY A 213 21.96 -6.51 5.95
CA GLY A 213 22.29 -7.90 6.16
C GLY A 213 23.21 -8.17 7.33
N THR A 214 23.46 -7.16 8.16
CA THR A 214 24.36 -7.31 9.29
C THR A 214 23.90 -6.36 10.38
N ILE A 215 24.27 -6.69 11.63
CA ILE A 215 23.76 -5.97 12.78
C ILE A 215 24.47 -4.62 12.86
N LYS A 216 23.74 -3.54 12.61
CA LYS A 216 24.25 -2.19 12.81
C LYS A 216 23.91 -1.62 14.19
N GLU A 217 22.76 -1.96 14.74
CA GLU A 217 22.32 -1.49 16.05
C GLU A 217 21.79 -2.66 16.84
N ASN A 218 22.30 -2.86 18.05
CA ASN A 218 21.78 -3.91 18.92
C ASN A 218 20.51 -3.40 19.60
N ILE A 219 19.40 -4.08 19.36
CA ILE A 219 18.09 -3.64 19.82
C ILE A 219 17.48 -4.71 20.70
N ASP A 220 17.02 -4.31 21.89
CA ASP A 220 16.17 -5.14 22.73
C ASP A 220 14.74 -4.92 22.27
N GLY A 221 14.20 -5.89 21.51
CA GLY A 221 12.92 -5.70 20.86
C GLY A 221 11.77 -5.52 21.84
N GLY A 222 11.78 -6.27 22.94
CA GLY A 222 10.76 -6.09 23.97
C GLY A 222 10.82 -4.72 24.61
N ALA A 223 12.03 -4.27 24.96
CA ALA A 223 12.19 -2.94 25.53
C ALA A 223 11.84 -1.85 24.52
N MET A 224 12.11 -2.08 23.23
CA MET A 224 11.85 -1.05 22.24
C MET A 224 10.36 -0.84 22.00
N HIS A 225 9.58 -1.92 22.06
CA HIS A 225 8.13 -1.76 21.98
C HIS A 225 7.61 -1.02 23.20
N ALA A 226 8.18 -1.29 24.38
CA ALA A 226 7.83 -0.50 25.55
C ALA A 226 8.16 0.96 25.34
N ASN A 227 9.27 1.25 24.65
CA ASN A 227 9.60 2.63 24.31
C ASN A 227 8.60 3.21 23.30
N TYR A 228 8.16 2.39 22.34
CA TYR A 228 7.17 2.87 21.37
C TYR A 228 5.87 3.26 22.07
N ILE A 229 5.38 2.41 22.97
CA ILE A 229 4.17 2.74 23.73
C ILE A 229 4.40 3.95 24.62
N PHE A 230 5.59 4.03 25.25
CA PHE A 230 5.93 5.22 26.02
C PHE A 230 5.85 6.48 25.16
N TRP A 231 6.35 6.41 23.93
CA TRP A 231 6.27 7.54 23.01
C TRP A 231 4.82 7.89 22.69
N ARG A 232 4.00 6.89 22.35
CA ARG A 232 2.61 7.19 22.01
C ARG A 232 1.87 7.78 23.20
N ASN A 233 2.15 7.29 24.41
CA ASN A 233 1.48 7.80 25.60
C ASN A 233 1.89 9.22 25.94
N SER A 234 3.04 9.68 25.45
CA SER A 234 3.60 10.99 25.78
C SER A 234 3.39 12.03 24.69
N THR A 235 2.83 11.67 23.55
CA THR A 235 2.88 12.52 22.37
C THR A 235 1.50 12.84 21.80
N PRO A 236 0.98 14.06 22.00
CA PRO A 236 -0.28 14.43 21.36
C PRO A 236 -0.17 14.35 19.84
N MET A 237 -1.17 13.71 19.23
CA MET A 237 -1.23 13.47 17.80
C MET A 237 -2.64 13.84 17.34
N ASN A 238 -2.76 14.95 16.60
CA ASN A 238 -4.07 15.40 16.11
C ASN A 238 -4.37 14.75 14.76
N LEU A 239 -5.60 14.26 14.63
CA LEU A 239 -6.03 13.71 13.34
C LEU A 239 -5.96 14.78 12.27
N SER A 240 -5.30 14.46 11.15
CA SER A 240 -5.17 15.44 10.08
C SER A 240 -4.87 14.74 8.76
N THR A 241 -5.31 15.38 7.67
CA THR A 241 -4.90 15.03 6.32
C THR A 241 -4.43 16.27 5.56
N TYR A 242 -4.02 17.33 6.27
CA TYR A 242 -3.56 18.55 5.61
C TYR A 242 -2.39 18.30 4.69
N SER A 243 -1.54 17.31 5.01
CA SER A 243 -0.40 17.01 4.16
C SER A 243 -0.81 16.59 2.76
N LEU A 244 -2.05 16.15 2.58
CA LEU A 244 -2.53 15.71 1.28
C LEU A 244 -3.14 16.84 0.45
N PHE A 245 -3.06 18.08 0.93
CA PHE A 245 -3.64 19.18 0.15
C PHE A 245 -2.79 19.51 -1.07
N ASP A 246 -1.46 19.47 -0.92
CA ASP A 246 -0.53 19.69 -2.03
C ASP A 246 0.06 18.33 -2.40
N LEU A 247 -0.41 17.77 -3.52
CA LEU A 247 0.06 16.49 -4.02
C LEU A 247 0.95 16.64 -5.24
N SER A 248 1.48 17.85 -5.48
CA SER A 248 2.27 18.10 -6.67
C SER A 248 3.53 17.25 -6.73
N LYS A 249 4.10 16.89 -5.58
CA LYS A 249 5.32 16.12 -5.52
C LYS A 249 5.11 14.78 -4.82
N PHE A 250 3.93 14.19 -4.96
CA PHE A 250 3.61 12.97 -4.22
C PHE A 250 4.36 11.76 -4.77
N GLN A 251 4.54 11.69 -6.09
CA GLN A 251 5.09 10.50 -6.72
C GLN A 251 6.51 10.23 -6.23
N LEU A 252 6.83 8.95 -6.09
CA LEU A 252 8.18 8.56 -5.68
C LEU A 252 9.19 9.04 -6.70
N LYS A 253 10.28 9.61 -6.22
CA LYS A 253 11.33 10.13 -7.09
C LYS A 253 11.91 9.01 -7.93
N LEU A 254 12.09 9.27 -9.23
CA LEU A 254 12.64 8.28 -10.14
C LEU A 254 14.16 8.31 -10.03
N LYS A 255 14.66 7.65 -8.98
CA LYS A 255 16.08 7.78 -8.64
C LYS A 255 16.98 6.96 -9.56
N GLY A 256 16.45 5.98 -10.27
CA GLY A 256 17.29 5.13 -11.11
C GLY A 256 18.35 4.39 -10.33
N THR A 257 18.01 3.91 -9.14
CA THR A 257 18.98 3.24 -8.28
C THR A 257 19.54 2.00 -8.98
N PRO A 258 20.86 1.84 -9.04
CA PRO A 258 21.43 0.67 -9.72
C PRO A 258 21.29 -0.60 -8.90
N VAL A 259 21.18 -1.71 -9.62
CA VAL A 259 21.15 -3.06 -9.04
C VAL A 259 22.43 -3.76 -9.43
N LEU A 260 23.19 -4.22 -8.43
CA LEU A 260 24.47 -4.85 -8.65
C LEU A 260 24.47 -6.23 -8.01
N GLN A 261 25.22 -7.16 -8.61
CA GLN A 261 25.44 -8.49 -8.03
C GLN A 261 26.85 -8.54 -7.47
N LEU A 262 26.97 -8.78 -6.16
CA LEU A 262 28.26 -8.84 -5.50
C LEU A 262 28.28 -10.00 -4.51
N LYS A 263 29.42 -10.66 -4.41
CA LYS A 263 29.61 -11.65 -3.35
C LYS A 263 29.86 -10.95 -2.02
N GLU A 264 29.68 -11.71 -0.94
CA GLU A 264 29.83 -11.14 0.40
C GLU A 264 31.24 -10.60 0.63
N SER A 265 32.24 -11.25 0.05
CA SER A 265 33.62 -10.83 0.26
C SER A 265 33.90 -9.46 -0.36
N GLN A 266 33.19 -9.10 -1.42
CA GLN A 266 33.43 -7.86 -2.14
C GLN A 266 32.74 -6.65 -1.51
N ILE A 267 31.87 -6.86 -0.53
CA ILE A 267 31.14 -5.75 0.08
C ILE A 267 32.08 -5.00 1.03
N ASN A 268 32.69 -3.93 0.53
CA ASN A 268 33.62 -3.13 1.31
C ASN A 268 32.89 -1.94 1.93
N GLU A 269 33.64 -0.97 2.43
CA GLU A 269 33.03 0.19 3.07
C GLU A 269 32.30 1.08 2.07
N LEU A 270 32.79 1.13 0.82
CA LEU A 270 32.10 1.93 -0.20
C LEU A 270 30.71 1.39 -0.45
N VAL A 271 30.60 0.07 -0.65
CA VAL A 271 29.30 -0.54 -0.92
C VAL A 271 28.33 -0.29 0.24
N ILE A 272 28.81 -0.51 1.47
CA ILE A 272 27.95 -0.31 2.64
C ILE A 272 27.47 1.14 2.69
N SER A 273 28.36 2.09 2.37
CA SER A 273 27.98 3.49 2.35
C SER A 273 26.91 3.75 1.29
N LEU A 274 27.09 3.20 0.09
CA LEU A 274 26.11 3.40 -0.97
C LEU A 274 24.76 2.78 -0.59
N LEU A 275 24.79 1.57 -0.01
CA LEU A 275 23.57 0.94 0.49
C LEU A 275 22.88 1.82 1.52
N SER A 276 23.64 2.37 2.46
CA SER A 276 23.05 3.17 3.54
C SER A 276 22.48 4.49 3.06
N GLN A 277 22.90 4.98 1.89
CA GLN A 277 22.40 6.25 1.36
C GLN A 277 21.27 6.05 0.37
N GLY A 278 20.77 4.83 0.22
CA GLY A 278 19.74 4.59 -0.77
C GLY A 278 20.21 4.68 -2.20
N LYS A 279 21.50 4.46 -2.45
CA LYS A 279 22.08 4.62 -3.78
C LYS A 279 22.43 3.28 -4.43
N LEU A 280 22.08 2.15 -3.82
CA LEU A 280 22.50 0.87 -4.37
C LEU A 280 21.59 -0.24 -3.85
N LEU A 281 21.31 -1.19 -4.74
CA LEU A 281 20.69 -2.46 -4.38
C LEU A 281 21.63 -3.59 -4.77
N ILE A 282 21.70 -4.61 -3.94
CA ILE A 282 22.45 -5.82 -4.25
C ILE A 282 21.47 -6.99 -4.25
N ARG A 283 21.26 -7.59 -5.41
CA ARG A 283 20.36 -8.72 -5.58
C ARG A 283 20.51 -9.20 -7.03
N ASP A 284 19.82 -10.29 -7.35
CA ASP A 284 19.77 -10.74 -8.72
C ASP A 284 19.04 -9.72 -9.59
N ASN A 285 19.28 -9.81 -10.90
CA ASN A 285 18.55 -8.98 -11.86
C ASN A 285 17.87 -9.82 -12.92
N ASP A 286 17.44 -11.03 -12.55
CA ASP A 286 16.67 -11.88 -13.45
C ASP A 286 15.23 -11.39 -13.53
N THR A 287 14.30 -12.29 -13.89
CA THR A 287 12.88 -11.98 -13.90
C THR A 287 12.25 -12.45 -12.60
N LEU A 288 11.42 -11.60 -12.01
CA LEU A 288 10.81 -11.91 -10.72
C LEU A 288 9.76 -13.01 -10.87
N SER A 289 9.86 -14.02 -10.02
CA SER A 289 8.90 -15.12 -9.97
C SER A 289 8.35 -15.22 -8.55
N VAL A 290 7.08 -14.85 -8.39
CA VAL A 290 6.40 -14.92 -7.09
C VAL A 290 5.07 -15.62 -7.33
N SER A 291 4.94 -16.84 -6.81
CA SER A 291 3.77 -17.68 -7.02
C SER A 291 3.19 -18.11 -5.67
N THR A 292 2.07 -18.82 -5.73
CA THR A 292 1.44 -19.39 -4.55
C THR A 292 1.90 -20.83 -4.38
N ASP A 293 2.43 -21.14 -3.20
CA ASP A 293 2.91 -22.48 -2.91
C ASP A 293 1.81 -23.31 -2.26
N VAL A 294 1.88 -24.62 -2.49
CA VAL A 294 0.94 -25.58 -1.91
C VAL A 294 1.61 -26.18 -0.67
N LEU A 295 1.12 -25.80 0.51
CA LEU A 295 1.76 -26.16 1.76
C LEU A 295 1.16 -27.44 2.34
N VAL A 296 1.89 -28.02 3.28
CA VAL A 296 1.49 -29.28 3.92
C VAL A 296 1.15 -29.04 5.39
N SER B 11 -23.68 -6.31 -2.94
CA SER B 11 -23.64 -7.77 -2.96
C SER B 11 -24.82 -8.34 -3.72
N SER B 12 -25.88 -7.55 -3.84
CA SER B 12 -27.06 -7.98 -4.58
C SER B 12 -26.87 -7.82 -6.08
N VAL B 13 -26.43 -6.63 -6.52
CA VAL B 13 -26.27 -6.39 -7.95
C VAL B 13 -25.13 -7.24 -8.53
N LEU B 14 -24.11 -7.54 -7.71
CA LEU B 14 -23.02 -8.38 -8.21
C LEU B 14 -23.49 -9.81 -8.46
N SER B 15 -24.32 -10.35 -7.57
CA SER B 15 -24.94 -11.64 -7.84
C SER B 15 -25.98 -11.57 -8.94
N LEU B 16 -26.49 -10.36 -9.23
CA LEU B 16 -27.44 -10.20 -10.33
C LEU B 16 -26.77 -10.42 -11.68
N VAL B 17 -25.55 -9.88 -11.85
CA VAL B 17 -24.84 -10.04 -13.13
C VAL B 17 -24.19 -11.41 -13.28
N ASN B 18 -24.36 -12.30 -12.31
CA ASN B 18 -23.91 -13.68 -12.42
C ASN B 18 -25.04 -14.63 -12.78
N PHE B 19 -26.24 -14.11 -13.03
CA PHE B 19 -27.41 -14.91 -13.37
C PHE B 19 -27.90 -14.59 -14.77
N THR B 20 -26.99 -14.16 -15.66
CA THR B 20 -27.37 -13.78 -17.01
C THR B 20 -26.15 -13.88 -17.92
N VAL B 21 -26.41 -13.92 -19.23
CA VAL B 21 -25.34 -14.02 -20.22
C VAL B 21 -24.81 -12.65 -20.64
N ASP B 22 -25.50 -11.56 -20.28
CA ASP B 22 -25.07 -10.20 -20.60
C ASP B 22 -24.93 -9.41 -19.30
N PRO B 23 -23.76 -9.47 -18.63
CA PRO B 23 -23.61 -8.73 -17.39
C PRO B 23 -23.68 -7.22 -17.57
N GLN B 24 -23.15 -6.69 -18.68
CA GLN B 24 -23.19 -5.25 -18.93
C GLN B 24 -24.63 -4.75 -18.97
N LYS B 25 -25.48 -5.41 -19.76
CA LYS B 25 -26.88 -5.02 -19.83
C LYS B 25 -27.58 -5.21 -18.49
N ALA B 26 -27.25 -6.30 -17.79
CA ALA B 26 -27.89 -6.58 -16.51
C ALA B 26 -27.58 -5.49 -15.49
N TYR B 27 -26.34 -5.01 -15.46
CA TYR B 27 -25.99 -3.94 -14.51
C TYR B 27 -26.67 -2.63 -14.91
N LEU B 28 -26.60 -2.28 -16.20
CA LEU B 28 -27.17 -1.01 -16.64
C LEU B 28 -28.69 -0.98 -16.46
N ASP B 29 -29.37 -2.09 -16.77
CA ASP B 29 -30.80 -2.15 -16.55
C ASP B 29 -31.15 -2.03 -15.08
N PHE B 30 -30.29 -2.55 -14.19
CA PHE B 30 -30.56 -2.50 -12.76
C PHE B 30 -30.51 -1.06 -12.24
N VAL B 31 -29.42 -0.35 -12.51
CA VAL B 31 -29.32 1.02 -11.98
C VAL B 31 -30.20 1.99 -12.75
N ASN B 32 -30.53 1.69 -14.02
CA ASN B 32 -31.45 2.56 -14.75
C ASN B 32 -32.87 2.44 -14.20
N ALA B 33 -33.21 1.29 -13.62
CA ALA B 33 -34.50 1.06 -12.99
C ALA B 33 -34.51 1.45 -11.52
N GLY B 34 -33.55 2.26 -11.08
CA GLY B 34 -33.51 2.75 -9.72
C GLY B 34 -32.60 1.99 -8.77
N GLY B 35 -31.92 0.94 -9.26
CA GLY B 35 -31.06 0.17 -8.38
C GLY B 35 -29.85 0.98 -7.91
N ALA B 36 -29.38 0.64 -6.72
CA ALA B 36 -28.24 1.33 -6.13
C ALA B 36 -26.96 0.94 -6.86
N PRO B 37 -26.18 1.89 -7.38
CA PRO B 37 -24.93 1.55 -8.05
C PRO B 37 -23.98 0.81 -7.13
N LEU B 38 -23.02 0.11 -7.74
CA LEU B 38 -22.02 -0.60 -6.97
C LEU B 38 -21.20 0.39 -6.14
N THR B 39 -21.02 0.07 -4.86
CA THR B 39 -20.28 0.92 -3.94
C THR B 39 -18.81 0.53 -3.90
N ASN B 40 -18.06 1.26 -3.08
CA ASN B 40 -16.68 0.92 -2.71
C ASN B 40 -15.73 0.96 -3.91
N CYS B 41 -16.04 1.77 -4.91
CA CYS B 41 -15.04 2.09 -5.92
C CYS B 41 -13.93 2.92 -5.27
N VAL B 42 -12.69 2.67 -5.67
CA VAL B 42 -11.52 3.24 -4.99
C VAL B 42 -11.24 4.60 -5.63
N LYS B 43 -11.81 5.65 -5.03
CA LYS B 43 -11.55 7.01 -5.49
C LYS B 43 -10.21 7.49 -4.95
N MET B 44 -9.36 7.99 -5.85
CA MET B 44 -8.04 8.48 -5.46
C MET B 44 -8.09 9.98 -5.16
N LEU B 45 -7.11 10.44 -4.39
CA LEU B 45 -6.88 11.86 -4.15
C LEU B 45 -5.76 12.30 -5.10
N THR B 46 -6.07 13.25 -5.98
CA THR B 46 -5.14 13.61 -7.03
C THR B 46 -5.02 15.12 -7.14
N PRO B 47 -3.90 15.62 -7.67
CA PRO B 47 -3.87 17.02 -8.11
C PRO B 47 -4.67 17.13 -9.41
N LYS B 48 -5.74 17.90 -9.36
CA LYS B 48 -6.62 18.00 -10.52
C LYS B 48 -5.95 18.77 -11.65
N THR B 49 -4.74 18.31 -12.05
CA THR B 49 -3.93 18.97 -13.06
C THR B 49 -3.53 18.00 -14.15
N GLY B 50 -4.31 16.94 -14.36
CA GLY B 50 -3.99 15.93 -15.34
C GLY B 50 -4.42 16.31 -16.75
N THR B 51 -4.13 15.40 -17.68
CA THR B 51 -4.49 15.64 -19.08
C THR B 51 -5.98 15.42 -19.31
N GLY B 52 -6.62 14.57 -18.51
CA GLY B 52 -8.04 14.32 -18.64
C GLY B 52 -8.42 13.15 -19.51
N ILE B 53 -7.47 12.34 -19.95
CA ILE B 53 -7.75 11.18 -20.78
C ILE B 53 -8.55 10.16 -19.97
N ALA B 54 -9.16 9.20 -20.66
CA ALA B 54 -10.04 8.24 -19.99
C ALA B 54 -9.26 7.31 -19.07
N ILE B 55 -8.31 6.56 -19.63
CA ILE B 55 -7.54 5.56 -18.89
C ILE B 55 -6.06 5.91 -18.99
N SER B 56 -5.36 5.85 -17.86
CA SER B 56 -3.97 6.32 -17.82
C SER B 56 -3.18 5.53 -16.79
N VAL B 57 -1.86 5.52 -16.95
CA VAL B 57 -0.99 4.78 -16.06
C VAL B 57 -0.83 5.50 -14.72
N LYS B 58 -1.01 6.80 -14.70
CA LYS B 58 -1.04 7.61 -13.50
C LYS B 58 -2.30 8.45 -13.53
N PRO B 59 -2.76 8.93 -12.38
CA PRO B 59 -3.98 9.76 -12.37
C PRO B 59 -3.85 10.98 -13.26
N GLU B 60 -4.89 11.25 -14.04
CA GLU B 60 -4.89 12.37 -14.97
C GLU B 60 -6.19 13.18 -14.88
N SER B 61 -6.78 13.25 -13.70
CA SER B 61 -8.02 14.00 -13.52
C SER B 61 -7.78 15.49 -13.71
N THR B 62 -8.70 16.13 -14.44
CA THR B 62 -8.78 17.59 -14.49
C THR B 62 -9.67 18.07 -13.34
N ALA B 63 -9.95 19.37 -13.31
CA ALA B 63 -10.79 19.91 -12.25
C ALA B 63 -12.22 19.41 -12.34
N ASP B 64 -12.64 18.88 -13.49
CA ASP B 64 -13.99 18.37 -13.69
C ASP B 64 -14.06 16.85 -13.61
N GLN B 65 -13.05 16.20 -13.04
CA GLN B 65 -12.97 14.75 -13.04
C GLN B 65 -12.57 14.26 -11.66
N GLU B 66 -12.77 12.96 -11.44
CA GLU B 66 -12.19 12.23 -10.33
C GLU B 66 -11.54 10.97 -10.86
N THR B 67 -10.45 10.56 -10.22
CA THR B 67 -9.68 9.39 -10.64
C THR B 67 -9.99 8.21 -9.74
N TYR B 68 -10.22 7.05 -10.34
CA TYR B 68 -10.48 5.82 -9.61
C TYR B 68 -9.44 4.77 -9.97
N GLY B 69 -9.14 3.89 -9.00
CA GLY B 69 -8.37 2.71 -9.30
C GLY B 69 -9.11 1.86 -10.31
N GLY B 70 -8.41 1.38 -11.33
CA GLY B 70 -9.09 0.81 -12.49
C GLY B 70 -9.86 -0.47 -12.18
N ALA B 71 -9.26 -1.37 -11.40
CA ALA B 71 -9.93 -2.62 -11.09
C ALA B 71 -11.26 -2.39 -10.38
N SER B 72 -11.33 -1.37 -9.53
CA SER B 72 -12.50 -1.16 -8.69
C SER B 72 -13.71 -0.62 -9.45
N VAL B 73 -13.51 -0.06 -10.64
CA VAL B 73 -14.63 0.43 -11.45
C VAL B 73 -14.95 -0.51 -12.60
N CYS B 74 -14.35 -1.69 -12.62
CA CYS B 74 -14.60 -2.67 -13.67
C CYS B 74 -15.57 -3.72 -13.15
N LEU B 75 -16.75 -3.81 -13.77
CA LEU B 75 -17.75 -4.79 -13.35
C LEU B 75 -17.19 -6.20 -13.41
N TYR B 76 -16.44 -6.52 -14.46
CA TYR B 76 -15.90 -7.88 -14.60
C TYR B 76 -14.85 -8.16 -13.55
N CYS B 77 -14.06 -7.17 -13.16
CA CYS B 77 -13.16 -7.34 -12.02
C CYS B 77 -13.94 -7.46 -10.72
N ARG B 78 -14.89 -6.54 -10.49
CA ARG B 78 -15.60 -6.50 -9.22
C ARG B 78 -16.42 -7.76 -9.00
N ALA B 79 -17.00 -8.31 -10.07
CA ALA B 79 -17.84 -9.50 -9.97
C ALA B 79 -17.07 -10.80 -10.19
N HIS B 80 -15.77 -10.73 -10.47
CA HIS B 80 -14.93 -11.90 -10.71
C HIS B 80 -15.52 -12.80 -11.80
N ILE B 81 -15.84 -12.20 -12.94
CA ILE B 81 -16.33 -12.92 -14.11
C ILE B 81 -15.35 -12.69 -15.24
N GLU B 82 -15.52 -13.47 -16.31
CA GLU B 82 -14.60 -13.41 -17.44
C GLU B 82 -14.74 -12.08 -18.17
N HIS B 83 -13.62 -11.46 -18.49
CA HIS B 83 -13.64 -10.20 -19.21
C HIS B 83 -14.02 -10.43 -20.67
N PRO B 84 -14.78 -9.51 -21.27
CA PRO B 84 -15.25 -9.72 -22.65
C PRO B 84 -14.21 -9.41 -23.71
N ASP B 85 -13.09 -8.78 -23.35
CA ASP B 85 -12.07 -8.43 -24.34
C ASP B 85 -11.51 -9.69 -24.97
N VAL B 86 -11.38 -9.66 -26.31
CA VAL B 86 -10.90 -10.83 -27.04
C VAL B 86 -9.46 -11.16 -26.65
N SER B 87 -8.71 -10.17 -26.19
CA SER B 87 -7.35 -10.41 -25.71
C SER B 87 -7.33 -10.98 -24.30
N GLY B 88 -8.46 -11.00 -23.59
CA GLY B 88 -8.52 -11.50 -22.24
C GLY B 88 -7.99 -10.56 -21.16
N VAL B 89 -7.28 -9.52 -21.55
CA VAL B 89 -6.71 -8.57 -20.60
C VAL B 89 -7.72 -7.46 -20.33
N CYS B 90 -7.86 -7.08 -19.07
CA CYS B 90 -8.78 -6.02 -18.69
C CYS B 90 -8.23 -4.66 -19.14
N LYS B 91 -9.14 -3.79 -19.55
CA LYS B 91 -8.77 -2.44 -20.00
C LYS B 91 -8.42 -1.53 -18.83
N TYR B 92 -9.06 -1.72 -17.69
CA TYR B 92 -8.90 -0.80 -16.55
C TYR B 92 -7.91 -1.31 -15.51
N LYS B 93 -7.84 -2.62 -15.30
CA LYS B 93 -7.07 -3.17 -14.19
C LYS B 93 -5.60 -2.78 -14.29
N GLY B 94 -5.04 -2.34 -13.16
CA GLY B 94 -3.67 -1.88 -13.11
C GLY B 94 -3.45 -0.46 -13.60
N LYS B 95 -4.51 0.24 -14.01
CA LYS B 95 -4.43 1.60 -14.49
C LYS B 95 -5.43 2.46 -13.71
N PHE B 96 -5.48 3.75 -14.06
CA PHE B 96 -6.38 4.70 -13.42
C PHE B 96 -7.39 5.21 -14.44
N VAL B 97 -8.64 5.36 -13.99
CA VAL B 97 -9.75 5.73 -14.85
C VAL B 97 -10.30 7.07 -14.37
N GLN B 98 -10.42 8.02 -15.30
CA GLN B 98 -11.00 9.33 -15.00
C GLN B 98 -12.49 9.32 -15.30
N ILE B 99 -13.29 9.76 -14.32
CA ILE B 99 -14.74 9.78 -14.43
C ILE B 99 -15.19 11.22 -14.30
N PRO B 100 -16.07 11.70 -15.19
CA PRO B 100 -16.61 13.05 -15.04
C PRO B 100 -17.22 13.24 -13.65
N ALA B 101 -17.00 14.42 -13.08
CA ALA B 101 -17.42 14.67 -11.71
C ALA B 101 -18.91 14.50 -11.53
N GLN B 102 -19.70 14.81 -12.55
CA GLN B 102 -21.16 14.68 -12.48
C GLN B 102 -21.63 13.23 -12.58
N CYS B 103 -20.72 12.26 -12.69
CA CYS B 103 -21.09 10.86 -12.83
C CYS B 103 -20.48 9.97 -11.75
N VAL B 104 -19.94 10.55 -10.67
CA VAL B 104 -19.30 9.75 -9.64
C VAL B 104 -20.29 8.91 -8.84
N ARG B 105 -21.60 9.12 -9.03
CA ARG B 105 -22.58 8.30 -8.35
C ARG B 105 -22.53 6.86 -8.83
N ASP B 106 -22.10 6.62 -10.07
CA ASP B 106 -22.03 5.27 -10.63
C ASP B 106 -20.84 5.20 -11.57
N PRO B 107 -19.62 5.11 -11.01
CA PRO B 107 -18.45 4.92 -11.90
C PRO B 107 -18.49 3.62 -12.67
N VAL B 108 -18.96 2.54 -12.06
CA VAL B 108 -19.03 1.25 -12.77
C VAL B 108 -20.01 1.35 -13.93
N GLY B 109 -21.16 1.97 -13.70
CA GLY B 109 -22.11 2.17 -14.78
C GLY B 109 -21.60 3.09 -15.86
N PHE B 110 -20.82 4.12 -15.48
CA PHE B 110 -20.29 5.03 -16.49
C PHE B 110 -19.35 4.31 -17.44
N CYS B 111 -18.45 3.47 -16.91
CA CYS B 111 -17.50 2.78 -17.78
C CYS B 111 -18.20 1.79 -18.71
N LEU B 112 -19.30 1.19 -18.26
CA LEU B 112 -20.03 0.26 -19.11
C LEU B 112 -20.80 0.97 -20.22
N SER B 113 -21.04 2.27 -20.06
CA SER B 113 -21.88 3.03 -20.99
C SER B 113 -21.08 3.90 -21.95
N ASN B 114 -19.77 3.97 -21.81
CA ASN B 114 -18.96 4.90 -22.60
C ASN B 114 -17.69 4.22 -23.08
N THR B 115 -17.07 4.85 -24.09
CA THR B 115 -15.88 4.30 -24.73
C THR B 115 -14.88 5.42 -24.96
N PRO B 116 -13.60 5.17 -24.69
CA PRO B 116 -12.58 6.17 -25.04
C PRO B 116 -12.35 6.23 -26.54
N CYS B 117 -12.08 7.43 -27.04
CA CYS B 117 -11.77 7.62 -28.45
C CYS B 117 -10.49 6.87 -28.81
N ASN B 118 -10.58 5.95 -29.78
CA ASN B 118 -9.45 5.08 -30.10
C ASN B 118 -8.32 5.82 -30.82
N VAL B 119 -8.54 7.06 -31.25
CA VAL B 119 -7.50 7.88 -31.84
C VAL B 119 -7.06 8.90 -30.81
N CYS B 120 -8.02 9.36 -30.01
CA CYS B 120 -7.89 10.55 -29.19
C CYS B 120 -7.72 10.27 -27.69
N GLN B 121 -8.08 9.07 -27.23
CA GLN B 121 -7.90 8.58 -25.86
C GLN B 121 -8.79 9.27 -24.84
N TYR B 122 -9.55 10.29 -25.23
CA TYR B 122 -10.49 10.92 -24.33
C TYR B 122 -11.85 10.24 -24.41
N TRP B 123 -12.65 10.40 -23.36
CA TRP B 123 -14.02 9.89 -23.35
C TRP B 123 -14.81 10.56 -24.46
N ILE B 124 -15.44 9.74 -25.31
CA ILE B 124 -16.31 10.27 -26.35
C ILE B 124 -17.53 10.92 -25.68
N GLY B 125 -17.77 12.19 -26.02
CA GLY B 125 -18.80 12.96 -25.37
C GLY B 125 -18.39 13.60 -24.05
N TYR B 126 -17.21 13.28 -23.54
CA TYR B 126 -16.73 13.84 -22.27
C TYR B 126 -15.25 14.19 -22.40
N GLY B 127 -14.91 14.90 -23.47
CA GLY B 127 -13.53 15.30 -23.68
C GLY B 127 -13.03 15.16 -25.10
N CYS B 128 -13.54 14.16 -25.83
CA CYS B 128 -13.07 13.95 -27.20
C CYS B 128 -13.64 15.03 -28.12
N ASN B 129 -12.75 15.62 -28.92
CA ASN B 129 -13.12 16.67 -29.87
C ASN B 129 -12.66 16.25 -31.27
N CYS B 130 -13.33 15.25 -31.82
CA CYS B 130 -12.99 14.74 -33.14
C CYS B 130 -14.20 14.77 -34.08
#